data_9EFW
#
_entry.id   9EFW
#
_cell.length_a   48.161
_cell.length_b   50.245
_cell.length_c   59.041
_cell.angle_alpha   110.78
_cell.angle_beta   100.37
_cell.angle_gamma   82.63
#
_symmetry.space_group_name_H-M   'P 1'
#
loop_
_entity.id
_entity.type
_entity.pdbx_description
1 polymer 'Fork head protein homolog 1'
2 polymer DNA
3 polymer DNA
4 non-polymer 'POTASSIUM ION'
5 water water
#
loop_
_entity_poly.entity_id
_entity_poly.type
_entity_poly.pdbx_seq_one_letter_code
_entity_poly.pdbx_strand_id
1 'polypeptide(L)'
;SNRYIKPPQSYASMITQAILSTPEGSISLADIYKFISDNYAFYRFSQMAWQNSVRHNLSLNKAFEKVPKRAGQQGKGMNW
KISDEVRRDFLNKWNAGKLSKIRRGASVTRQLQLHMSKFGEIPA
;
A,B
2 'polydeoxyribonucleotide' (DG)(DC)(DG)(DG)(DT)(DA)(DT)(DG)(DT)(DT)(DT)(DA)(DC)(DA)(DT)(DT)(DT)(DC)(DG) D,F
3 'polydeoxyribonucleotide' (DC)(DG)(DA)(DA)(DA)(DT)(DG)(DT)(DA)(DA)(DA)(DC)(DA)(DT)(DA)(DC)(DC)(DG)(DC) C,E
#
loop_
_chem_comp.id
_chem_comp.type
_chem_comp.name
_chem_comp.formula
DA DNA linking 2'-DEOXYADENOSINE-5'-MONOPHOSPHATE 'C10 H14 N5 O6 P'
DC DNA linking 2'-DEOXYCYTIDINE-5'-MONOPHOSPHATE 'C9 H14 N3 O7 P'
DG DNA linking 2'-DEOXYGUANOSINE-5'-MONOPHOSPHATE 'C10 H14 N5 O7 P'
DT DNA linking THYMIDINE-5'-MONOPHOSPHATE 'C10 H15 N2 O8 P'
K non-polymer 'POTASSIUM ION' 'K 1'
#
# COMPACT_ATOMS: atom_id res chain seq x y z
N ASN A 2 13.71 -6.63 16.78
CA ASN A 2 12.54 -7.50 16.70
C ASN A 2 12.02 -7.59 15.26
N ARG A 3 12.41 -8.66 14.57
CA ARG A 3 12.02 -8.86 13.18
C ARG A 3 10.71 -9.63 13.09
N TYR A 4 9.92 -9.33 12.06
CA TYR A 4 8.63 -9.96 11.84
C TYR A 4 8.53 -10.40 10.38
N ILE A 5 7.90 -11.55 10.17
CA ILE A 5 7.72 -12.12 8.84
C ILE A 5 6.24 -12.11 8.51
N LYS A 6 5.94 -11.91 7.24
CA LYS A 6 4.54 -11.89 6.81
C LYS A 6 3.94 -13.28 7.03
N PRO A 7 2.88 -13.43 7.83
CA PRO A 7 2.32 -14.76 8.05
C PRO A 7 1.73 -15.31 6.76
N PRO A 8 1.77 -16.62 6.57
CA PRO A 8 1.18 -17.21 5.35
C PRO A 8 -0.34 -17.22 5.36
N GLN A 9 -0.97 -16.89 6.48
CA GLN A 9 -2.42 -16.86 6.54
C GLN A 9 -2.98 -15.87 5.51
N SER A 10 -4.08 -16.24 4.87
CA SER A 10 -4.65 -15.39 3.84
C SER A 10 -5.46 -14.25 4.46
N TYR A 11 -5.66 -13.20 3.67
CA TYR A 11 -6.44 -12.06 4.16
C TYR A 11 -7.86 -12.48 4.52
N ALA A 12 -8.50 -13.31 3.67
CA ALA A 12 -9.84 -13.78 3.98
C ALA A 12 -9.85 -14.59 5.26
N SER A 13 -8.76 -15.32 5.55
CA SER A 13 -8.69 -16.10 6.78
C SER A 13 -8.61 -15.19 8.01
N MET A 14 -7.80 -14.14 7.94
CA MET A 14 -7.69 -13.23 9.07
C MET A 14 -8.97 -12.45 9.29
N ILE A 15 -9.66 -12.09 8.20
CA ILE A 15 -10.93 -11.38 8.32
C ILE A 15 -11.96 -12.26 9.01
N THR A 16 -12.12 -13.51 8.54
CA THR A 16 -13.03 -14.43 9.19
C THR A 16 -12.70 -14.52 10.68
N GLN A 17 -11.41 -14.60 11.01
CA GLN A 17 -11.01 -14.64 12.42
C GLN A 17 -11.50 -13.40 13.17
N ALA A 18 -11.42 -12.23 12.54
CA ALA A 18 -11.82 -11.00 13.21
C ALA A 18 -13.33 -10.97 13.44
N ILE A 19 -14.10 -11.48 12.48
CA ILE A 19 -15.55 -11.46 12.60
C ILE A 19 -16.00 -12.43 13.69
N LEU A 20 -15.38 -13.61 13.74
CA LEU A 20 -15.78 -14.61 14.73
C LEU A 20 -15.36 -14.24 16.14
N SER A 21 -14.43 -13.29 16.31
CA SER A 21 -13.97 -12.91 17.64
C SER A 21 -14.99 -12.06 18.39
N THR A 22 -15.92 -11.42 17.68
CA THR A 22 -16.88 -10.54 18.33
C THR A 22 -18.08 -11.33 18.83
N PRO A 23 -18.77 -10.84 19.86
CA PRO A 23 -19.93 -11.59 20.39
C PRO A 23 -21.11 -11.61 19.44
N GLU A 24 -21.28 -10.58 18.61
CA GLU A 24 -22.39 -10.51 17.68
C GLU A 24 -22.05 -11.01 16.29
N GLY A 25 -20.81 -11.43 16.06
CA GLY A 25 -20.43 -11.86 14.73
C GLY A 25 -20.45 -10.77 13.69
N SER A 26 -20.42 -9.50 14.11
CA SER A 26 -20.37 -8.37 13.19
C SER A 26 -19.34 -7.38 13.70
N ILE A 27 -18.58 -6.80 12.77
CA ILE A 27 -17.46 -5.94 13.13
C ILE A 27 -17.24 -4.92 12.02
N SER A 28 -16.72 -3.75 12.40
CA SER A 28 -16.45 -2.68 11.46
C SER A 28 -15.08 -2.84 10.84
N LEU A 29 -14.91 -2.24 9.66
CA LEU A 29 -13.61 -2.26 9.00
C LEU A 29 -12.51 -1.75 9.93
N ALA A 30 -12.78 -0.68 10.65
CA ALA A 30 -11.79 -0.12 11.55
C ALA A 30 -11.33 -1.16 12.57
N ASP A 31 -12.27 -1.92 13.13
CA ASP A 31 -11.92 -2.90 14.14
C ASP A 31 -11.28 -4.14 13.52
N ILE A 32 -11.58 -4.44 12.25
CA ILE A 32 -10.87 -5.51 11.56
C ILE A 32 -9.39 -5.15 11.42
N TYR A 33 -9.11 -3.91 11.03
CA TYR A 33 -7.73 -3.43 11.02
C TYR A 33 -7.07 -3.67 12.37
N LYS A 34 -7.74 -3.26 13.46
CA LYS A 34 -7.16 -3.40 14.79
C LYS A 34 -6.95 -4.88 15.14
N PHE A 35 -7.93 -5.72 14.86
CA PHE A 35 -7.79 -7.14 15.16
C PHE A 35 -6.56 -7.72 14.50
N ILE A 36 -6.32 -7.36 13.23
CA ILE A 36 -5.17 -7.88 12.51
C ILE A 36 -3.88 -7.39 13.16
N SER A 37 -3.81 -6.09 13.46
CA SER A 37 -2.61 -5.54 14.08
C SER A 37 -2.40 -6.08 15.49
N ASP A 38 -3.48 -6.43 16.18
CA ASP A 38 -3.35 -6.96 17.54
C ASP A 38 -2.84 -8.40 17.53
N ASN A 39 -3.36 -9.23 16.62
CA ASN A 39 -3.05 -10.65 16.61
C ASN A 39 -1.88 -11.02 15.72
N TYR A 40 -1.55 -10.18 14.74
CA TYR A 40 -0.43 -10.45 13.82
C TYR A 40 0.45 -9.21 13.82
N ALA A 41 1.52 -9.25 14.61
CA ALA A 41 2.35 -8.07 14.83
C ALA A 41 2.95 -7.54 13.53
N PHE A 42 3.19 -8.43 12.55
CA PHE A 42 3.78 -7.99 11.29
C PHE A 42 3.01 -6.80 10.70
N TYR A 43 1.68 -6.91 10.67
CA TYR A 43 0.88 -5.85 10.07
C TYR A 43 0.82 -4.60 10.95
N ARG A 44 1.14 -4.72 12.23
CA ARG A 44 1.11 -3.56 13.12
C ARG A 44 2.17 -2.54 12.71
N PHE A 45 3.32 -3.00 12.22
CA PHE A 45 4.42 -2.12 11.86
C PHE A 45 4.73 -2.11 10.38
N SER A 46 4.05 -2.91 9.58
CA SER A 46 4.35 -2.99 8.16
C SER A 46 3.93 -1.71 7.44
N GLN A 47 4.70 -1.36 6.41
CA GLN A 47 4.43 -0.18 5.61
C GLN A 47 3.56 -0.47 4.40
N MET A 48 3.54 -1.72 3.94
CA MET A 48 2.77 -2.07 2.75
C MET A 48 1.29 -1.71 2.96
N ALA A 49 0.57 -1.63 1.85
CA ALA A 49 -0.83 -1.19 1.85
C ALA A 49 -1.76 -2.40 2.00
N TRP A 50 -1.59 -3.09 3.13
CA TRP A 50 -2.43 -4.27 3.39
C TRP A 50 -3.90 -3.89 3.57
N GLN A 51 -4.19 -2.69 4.07
CA GLN A 51 -5.58 -2.28 4.24
C GLN A 51 -6.33 -2.28 2.90
N ASN A 52 -5.67 -1.82 1.84
CA ASN A 52 -6.26 -1.92 0.51
C ASN A 52 -6.63 -3.37 0.19
N SER A 53 -5.75 -4.33 0.53
CA SER A 53 -6.07 -5.72 0.24
C SER A 53 -7.22 -6.23 1.11
N VAL A 54 -7.26 -5.80 2.38
CA VAL A 54 -8.37 -6.18 3.24
C VAL A 54 -9.70 -5.70 2.64
N ARG A 55 -9.78 -4.42 2.28
CA ARG A 55 -11.02 -3.91 1.71
C ARG A 55 -11.37 -4.64 0.42
N HIS A 56 -10.35 -4.95 -0.39
CA HIS A 56 -10.58 -5.72 -1.61
C HIS A 56 -11.23 -7.06 -1.29
N ASN A 57 -10.78 -7.73 -0.23
CA ASN A 57 -11.29 -9.06 0.09
C ASN A 57 -12.69 -8.98 0.66
N LEU A 58 -12.98 -7.95 1.46
CA LEU A 58 -14.31 -7.84 2.05
C LEU A 58 -15.38 -7.66 0.97
N SER A 59 -15.09 -6.84 -0.03
CA SER A 59 -16.11 -6.56 -1.05
C SER A 59 -16.21 -7.71 -2.06
N LEU A 60 -15.09 -8.32 -2.43
CA LEU A 60 -15.11 -9.31 -3.52
C LEU A 60 -15.51 -10.69 -3.03
N ASN A 61 -15.13 -11.07 -1.82
CA ASN A 61 -15.41 -12.41 -1.32
C ASN A 61 -16.87 -12.54 -0.93
N LYS A 62 -17.52 -13.57 -1.46
CA LYS A 62 -18.95 -13.76 -1.22
C LYS A 62 -19.25 -13.95 0.27
N ALA A 63 -18.29 -14.48 1.03
CA ALA A 63 -18.54 -14.83 2.42
C ALA A 63 -18.78 -13.61 3.31
N PHE A 64 -18.35 -12.43 2.89
CA PHE A 64 -18.41 -11.23 3.70
C PHE A 64 -19.52 -10.32 3.18
N GLU A 65 -20.31 -9.78 4.10
CA GLU A 65 -21.53 -9.06 3.76
C GLU A 65 -21.72 -7.90 4.72
N LYS A 66 -22.04 -6.73 4.15
CA LYS A 66 -22.34 -5.56 4.98
C LYS A 66 -23.67 -5.72 5.67
N VAL A 67 -23.70 -5.37 6.96
CA VAL A 67 -24.95 -5.32 7.72
C VAL A 67 -25.27 -3.85 7.97
N PRO A 68 -26.53 -3.43 7.88
CA PRO A 68 -26.84 -2.00 8.08
C PRO A 68 -26.25 -1.41 9.34
N LYS A 69 -26.28 -2.16 10.45
CA LYS A 69 -25.74 -1.66 11.71
C LYS A 69 -26.51 -0.44 12.20
N GLY A 75 -19.64 5.67 13.24
CA GLY A 75 -20.67 5.76 12.23
C GLY A 75 -20.13 6.00 10.82
N LYS A 76 -18.81 6.14 10.72
CA LYS A 76 -18.19 6.37 9.42
C LYS A 76 -18.45 5.20 8.47
N GLY A 77 -18.31 3.97 8.97
CA GLY A 77 -18.48 2.80 8.14
C GLY A 77 -19.45 1.82 8.76
N MET A 78 -19.99 0.96 7.90
CA MET A 78 -20.92 -0.07 8.33
C MET A 78 -20.16 -1.27 8.88
N ASN A 79 -20.91 -2.26 9.34
CA ASN A 79 -20.35 -3.48 9.91
C ASN A 79 -20.33 -4.59 8.88
N TRP A 80 -19.49 -5.58 9.13
CA TRP A 80 -19.32 -6.74 8.26
C TRP A 80 -19.55 -8.02 9.06
N LYS A 81 -20.22 -8.98 8.43
CA LYS A 81 -20.44 -10.28 9.05
C LYS A 81 -20.30 -11.36 7.98
N ILE A 82 -20.43 -12.62 8.42
CA ILE A 82 -20.43 -13.74 7.50
C ILE A 82 -21.81 -13.85 6.86
N SER A 83 -21.84 -14.08 5.55
CA SER A 83 -23.11 -14.11 4.85
C SER A 83 -23.98 -15.26 5.35
N ASP A 84 -25.30 -15.05 5.32
CA ASP A 84 -26.22 -16.07 5.78
C ASP A 84 -26.09 -17.34 4.95
N GLU A 85 -25.88 -17.19 3.64
CA GLU A 85 -25.76 -18.36 2.77
C GLU A 85 -24.52 -19.18 3.14
N VAL A 86 -23.39 -18.52 3.38
CA VAL A 86 -22.17 -19.23 3.72
C VAL A 86 -22.24 -19.81 5.13
N ARG A 87 -22.88 -19.08 6.05
CA ARG A 87 -23.02 -19.60 7.41
C ARG A 87 -24.00 -20.76 7.45
N ARG A 88 -25.16 -20.61 6.79
CA ARG A 88 -26.13 -21.70 6.77
C ARG A 88 -25.57 -22.91 6.06
N ASP A 89 -24.81 -22.70 4.99
CA ASP A 89 -24.21 -23.82 4.27
C ASP A 89 -23.25 -24.60 5.17
N PHE A 90 -22.35 -23.88 5.84
CA PHE A 90 -21.38 -24.54 6.70
C PHE A 90 -22.07 -25.31 7.81
N LEU A 91 -23.06 -24.70 8.45
CA LEU A 91 -23.74 -25.36 9.56
C LEU A 91 -24.41 -26.64 9.10
N ASN A 92 -24.98 -26.64 7.89
CA ASN A 92 -25.60 -27.86 7.38
C ASN A 92 -24.56 -28.94 7.14
N LYS A 93 -23.42 -28.58 6.53
CA LYS A 93 -22.37 -29.57 6.31
C LYS A 93 -21.77 -30.02 7.64
N TRP A 94 -21.59 -29.10 8.58
CA TRP A 94 -21.00 -29.45 9.87
C TRP A 94 -21.86 -30.46 10.62
N ASN A 95 -23.18 -30.26 10.62
CA ASN A 95 -24.08 -31.14 11.35
C ASN A 95 -24.47 -32.39 10.56
N ALA A 96 -24.13 -32.45 9.29
CA ALA A 96 -24.43 -33.62 8.46
C ALA A 96 -23.27 -34.61 8.36
N GLY A 97 -22.15 -34.33 9.03
CA GLY A 97 -21.00 -35.20 9.01
C GLY A 97 -19.72 -34.43 8.81
N LYS A 98 -18.62 -35.16 8.73
CA LYS A 98 -17.32 -34.53 8.55
C LYS A 98 -17.28 -33.73 7.25
N LEU A 99 -16.41 -32.73 7.22
CA LEU A 99 -16.19 -31.93 6.04
C LEU A 99 -15.07 -32.52 5.20
N SER A 100 -15.10 -32.21 3.90
CA SER A 100 -14.07 -32.71 3.00
C SER A 100 -12.71 -32.17 3.40
N LYS A 101 -11.67 -32.96 3.14
CA LYS A 101 -10.29 -32.56 3.40
C LYS A 101 -9.72 -31.67 2.32
N ILE A 102 -10.52 -31.31 1.31
CA ILE A 102 -10.04 -30.43 0.26
C ILE A 102 -9.65 -29.09 0.85
N ARG A 103 -8.57 -28.50 0.31
CA ARG A 103 -8.03 -27.25 0.81
C ARG A 103 -8.23 -26.07 -0.13
N ARG A 104 -8.42 -26.31 -1.42
CA ARG A 104 -8.52 -25.23 -2.39
C ARG A 104 -9.78 -24.42 -2.14
N GLY A 105 -9.61 -23.13 -1.80
CA GLY A 105 -10.73 -22.25 -1.60
C GLY A 105 -11.45 -22.39 -0.28
N ALA A 106 -10.94 -23.22 0.63
CA ALA A 106 -11.58 -23.46 1.92
C ALA A 106 -10.97 -22.63 3.04
N SER A 107 -10.32 -21.51 2.71
CA SER A 107 -9.65 -20.72 3.73
C SER A 107 -10.64 -20.17 4.76
N VAL A 108 -11.84 -19.78 4.30
CA VAL A 108 -12.86 -19.33 5.23
C VAL A 108 -13.47 -20.51 5.97
N THR A 109 -13.67 -21.63 5.27
CA THR A 109 -14.25 -22.81 5.91
C THR A 109 -13.40 -23.27 7.09
N ARG A 110 -12.08 -23.22 6.95
CA ARG A 110 -11.21 -23.73 8.01
C ARG A 110 -11.33 -22.89 9.27
N GLN A 111 -11.48 -21.56 9.14
CA GLN A 111 -11.67 -20.73 10.32
C GLN A 111 -13.00 -21.03 10.99
N LEU A 112 -14.04 -21.31 10.21
CA LEU A 112 -15.31 -21.72 10.79
C LEU A 112 -15.16 -23.05 11.52
N GLN A 113 -14.44 -24.00 10.91
CA GLN A 113 -14.20 -25.28 11.58
C GLN A 113 -13.52 -25.07 12.93
N LEU A 114 -12.48 -24.24 12.96
CA LEU A 114 -11.76 -24.00 14.20
C LEU A 114 -12.66 -23.37 15.25
N HIS A 115 -13.34 -22.29 14.90
CA HIS A 115 -14.19 -21.62 15.87
C HIS A 115 -15.31 -22.52 16.36
N MET A 116 -15.82 -23.39 15.50
CA MET A 116 -16.92 -24.25 15.89
C MET A 116 -16.47 -25.34 16.84
N SER A 117 -15.25 -25.88 16.63
CA SER A 117 -14.76 -26.95 17.49
C SER A 117 -14.41 -26.47 18.88
N LYS A 118 -14.18 -25.16 19.06
CA LYS A 118 -13.84 -24.62 20.37
C LYS A 118 -15.02 -23.98 21.09
N PHE A 119 -15.95 -23.38 20.36
CA PHE A 119 -17.06 -22.66 20.96
C PHE A 119 -18.42 -23.27 20.68
N GLY A 120 -18.51 -24.27 19.80
CA GLY A 120 -19.76 -24.97 19.57
C GLY A 120 -20.82 -24.19 18.82
N GLU A 121 -20.47 -23.04 18.25
CA GLU A 121 -21.46 -22.23 17.53
C GLU A 121 -20.74 -21.14 16.76
N ILE A 122 -21.28 -20.82 15.59
CA ILE A 122 -20.78 -19.71 14.78
C ILE A 122 -21.58 -18.47 15.18
N PRO A 123 -20.92 -17.36 15.53
CA PRO A 123 -21.66 -16.18 15.98
C PRO A 123 -22.56 -15.64 14.88
N ALA A 124 -23.51 -14.80 15.30
CA ALA A 124 -24.46 -14.19 14.38
C ALA A 124 -25.10 -12.96 15.01
N ASN B 2 32.81 25.62 1.18
CA ASN B 2 32.36 26.95 0.80
C ASN B 2 32.41 27.13 -0.72
N ARG B 3 33.26 26.33 -1.37
CA ARG B 3 33.38 26.37 -2.83
C ARG B 3 32.04 26.11 -3.48
N TYR B 4 31.51 24.90 -3.33
CA TYR B 4 30.22 24.53 -3.88
C TYR B 4 29.19 24.49 -2.75
N ILE B 5 28.10 25.23 -2.93
CA ILE B 5 27.08 25.38 -1.89
C ILE B 5 25.92 24.45 -2.18
N LYS B 6 25.31 23.94 -1.11
CA LYS B 6 24.15 23.08 -1.24
C LYS B 6 23.04 23.82 -1.98
N PRO B 7 22.55 23.31 -3.11
CA PRO B 7 21.47 24.00 -3.82
C PRO B 7 20.17 23.93 -3.05
N PRO B 8 19.21 24.80 -3.37
CA PRO B 8 17.95 24.82 -2.59
C PRO B 8 17.13 23.56 -2.71
N GLN B 9 17.34 22.74 -3.74
CA GLN B 9 16.56 21.54 -3.93
C GLN B 9 16.68 20.62 -2.72
N SER B 10 15.67 19.76 -2.55
CA SER B 10 15.72 18.67 -1.59
C SER B 10 16.00 17.36 -2.33
N TYR B 11 16.37 16.34 -1.56
CA TYR B 11 16.61 15.04 -2.18
C TYR B 11 15.38 14.56 -2.94
N ALA B 12 14.18 14.83 -2.41
CA ALA B 12 12.97 14.38 -3.06
C ALA B 12 12.76 15.07 -4.40
N SER B 13 13.07 16.38 -4.47
CA SER B 13 12.83 17.11 -5.70
C SER B 13 13.88 16.78 -6.75
N MET B 14 15.11 16.57 -6.32
CA MET B 14 16.15 16.15 -7.27
C MET B 14 15.84 14.79 -7.85
N ILE B 15 15.35 13.87 -7.01
CA ILE B 15 14.93 12.55 -7.51
C ILE B 15 13.81 12.72 -8.53
N THR B 16 12.82 13.56 -8.20
CA THR B 16 11.76 13.84 -9.16
C THR B 16 12.33 14.41 -10.45
N GLN B 17 13.23 15.39 -10.31
CA GLN B 17 13.86 15.97 -11.49
C GLN B 17 14.56 14.89 -12.32
N ALA B 18 15.29 14.00 -11.65
CA ALA B 18 15.94 12.90 -12.37
C ALA B 18 14.92 12.04 -13.10
N ILE B 19 13.85 11.64 -12.43
CA ILE B 19 12.84 10.80 -13.05
C ILE B 19 12.21 11.50 -14.23
N LEU B 20 11.83 12.76 -14.06
CA LEU B 20 11.16 13.49 -15.13
C LEU B 20 12.06 13.72 -16.33
N SER B 21 13.39 13.69 -16.14
CA SER B 21 14.29 13.93 -17.26
C SER B 21 14.38 12.74 -18.22
N THR B 22 13.81 11.57 -17.84
CA THR B 22 13.85 10.43 -18.74
C THR B 22 12.59 10.38 -19.58
N PRO B 23 12.69 9.93 -20.83
CA PRO B 23 11.52 9.99 -21.73
C PRO B 23 10.38 9.09 -21.29
N GLU B 24 10.67 7.97 -20.62
CA GLU B 24 9.63 7.05 -20.17
C GLU B 24 9.31 7.19 -18.69
N GLY B 25 9.88 8.19 -18.02
CA GLY B 25 9.57 8.40 -16.61
C GLY B 25 10.06 7.32 -15.70
N SER B 26 11.00 6.48 -16.14
CA SER B 26 11.60 5.46 -15.31
C SER B 26 13.11 5.57 -15.42
N ILE B 27 13.79 5.43 -14.28
CA ILE B 27 15.23 5.61 -14.21
C ILE B 27 15.79 4.69 -13.15
N SER B 28 17.00 4.18 -13.39
CA SER B 28 17.65 3.31 -12.43
C SER B 28 18.29 4.12 -11.32
N LEU B 29 18.51 3.46 -10.18
CA LEU B 29 19.18 4.11 -9.06
C LEU B 29 20.55 4.64 -9.48
N ALA B 30 21.31 3.86 -10.24
CA ALA B 30 22.64 4.29 -10.66
C ALA B 30 22.56 5.57 -11.49
N ASP B 31 21.56 5.65 -12.38
CA ASP B 31 21.40 6.85 -13.20
C ASP B 31 20.87 8.04 -12.40
N ILE B 32 20.18 7.79 -11.28
CA ILE B 32 19.81 8.91 -10.41
C ILE B 32 21.04 9.54 -9.79
N TYR B 33 22.03 8.72 -9.41
CA TYR B 33 23.30 9.25 -8.95
C TYR B 33 23.94 10.13 -10.03
N LYS B 34 23.99 9.62 -11.26
CA LYS B 34 24.62 10.36 -12.35
C LYS B 34 23.91 11.70 -12.57
N PHE B 35 22.59 11.68 -12.65
CA PHE B 35 21.84 12.92 -12.86
C PHE B 35 22.17 13.93 -11.76
N ILE B 36 22.10 13.51 -10.50
CA ILE B 36 22.37 14.43 -9.40
C ILE B 36 23.79 14.96 -9.51
N SER B 37 24.76 14.07 -9.76
CA SER B 37 26.15 14.49 -9.82
C SER B 37 26.41 15.40 -11.01
N ASP B 38 25.80 15.10 -12.17
CA ASP B 38 26.07 15.89 -13.36
C ASP B 38 25.41 17.28 -13.28
N ASN B 39 24.24 17.38 -12.66
CA ASN B 39 23.50 18.63 -12.68
C ASN B 39 23.85 19.56 -11.52
N TYR B 40 24.29 19.03 -10.38
CA TYR B 40 24.60 19.84 -9.20
C TYR B 40 26.06 19.57 -8.80
N ALA B 41 26.91 20.59 -8.94
CA ALA B 41 28.33 20.42 -8.66
C ALA B 41 28.57 20.12 -7.19
N PHE B 42 27.72 20.65 -6.30
CA PHE B 42 27.88 20.36 -4.88
C PHE B 42 27.99 18.86 -4.63
N TYR B 43 27.10 18.08 -5.23
CA TYR B 43 27.11 16.64 -5.03
C TYR B 43 28.15 15.93 -5.92
N ARG B 44 28.66 16.59 -6.94
CA ARG B 44 29.68 15.98 -7.78
C ARG B 44 31.01 15.87 -7.04
N PHE B 45 31.37 16.89 -6.27
CA PHE B 45 32.66 16.95 -5.58
C PHE B 45 32.50 16.76 -4.07
N SER B 46 31.43 16.11 -3.64
CA SER B 46 31.15 15.92 -2.23
C SER B 46 31.64 14.55 -1.75
N GLN B 47 32.29 14.53 -0.59
CA GLN B 47 32.82 13.31 0.00
C GLN B 47 31.83 12.61 0.92
N MET B 48 30.72 13.25 1.28
CA MET B 48 29.80 12.65 2.23
C MET B 48 28.99 11.53 1.56
N ALA B 49 28.20 10.85 2.37
CA ALA B 49 27.39 9.72 1.91
C ALA B 49 25.99 10.18 1.49
N TRP B 50 25.95 11.04 0.46
CA TRP B 50 24.67 11.53 -0.02
C TRP B 50 23.91 10.46 -0.79
N GLN B 51 24.62 9.49 -1.38
CA GLN B 51 23.94 8.39 -2.02
C GLN B 51 23.04 7.66 -1.03
N ASN B 52 23.51 7.47 0.20
CA ASN B 52 22.69 6.83 1.22
C ASN B 52 21.39 7.60 1.44
N SER B 53 21.46 8.93 1.45
CA SER B 53 20.26 9.73 1.63
C SER B 53 19.32 9.59 0.43
N VAL B 54 19.88 9.47 -0.78
CA VAL B 54 19.04 9.23 -1.96
C VAL B 54 18.24 7.95 -1.79
N ARG B 55 18.92 6.83 -1.48
CA ARG B 55 18.21 5.58 -1.31
C ARG B 55 17.20 5.68 -0.19
N HIS B 56 17.57 6.33 0.90
CA HIS B 56 16.63 6.55 1.99
C HIS B 56 15.35 7.18 1.49
N ASN B 57 15.46 8.20 0.64
CA ASN B 57 14.28 8.95 0.20
C ASN B 57 13.48 8.19 -0.83
N LEU B 58 14.14 7.35 -1.65
CA LEU B 58 13.39 6.56 -2.62
C LEU B 58 12.40 5.62 -1.94
N SER B 59 12.82 4.95 -0.88
CA SER B 59 11.95 4.01 -0.20
C SER B 59 10.91 4.73 0.64
N LEU B 60 11.35 5.68 1.46
CA LEU B 60 10.45 6.31 2.42
C LEU B 60 9.35 7.10 1.72
N ASN B 61 9.69 7.86 0.69
CA ASN B 61 8.74 8.78 0.09
C ASN B 61 7.74 8.01 -0.78
N LYS B 62 6.44 8.22 -0.51
CA LYS B 62 5.39 7.55 -1.26
C LYS B 62 5.30 8.01 -2.71
N ALA B 63 6.01 9.07 -3.08
CA ALA B 63 6.00 9.54 -4.46
C ALA B 63 6.83 8.67 -5.41
N PHE B 64 7.66 7.75 -4.88
CA PHE B 64 8.59 6.99 -5.69
C PHE B 64 8.27 5.50 -5.56
N GLU B 65 8.22 4.81 -6.68
CA GLU B 65 7.78 3.42 -6.73
C GLU B 65 8.70 2.62 -7.64
N LYS B 66 9.16 1.48 -7.16
CA LYS B 66 9.92 0.57 -8.00
C LYS B 66 9.03 0.02 -9.11
N VAL B 67 9.58 -0.03 -10.32
CA VAL B 67 8.91 -0.68 -11.44
C VAL B 67 9.81 -1.80 -11.95
N PRO B 68 9.27 -2.98 -12.27
CA PRO B 68 10.13 -4.05 -12.79
C PRO B 68 10.87 -3.61 -14.04
N LYS B 69 12.20 -3.66 -13.97
CA LYS B 69 13.04 -3.22 -15.08
C LYS B 69 12.68 -3.95 -16.37
N GLY B 75 20.57 -4.21 -15.43
CA GLY B 75 21.44 -5.17 -14.78
C GLY B 75 21.10 -5.37 -13.31
N LYS B 76 21.84 -4.69 -12.43
CA LYS B 76 21.64 -4.81 -10.99
C LYS B 76 20.63 -3.78 -10.52
N GLY B 77 19.66 -4.21 -9.72
CA GLY B 77 18.62 -3.33 -9.25
C GLY B 77 17.48 -3.19 -10.25
N MET B 78 16.55 -2.30 -9.91
CA MET B 78 15.37 -2.05 -10.71
C MET B 78 15.28 -0.56 -11.03
N ASN B 79 14.23 -0.19 -11.77
CA ASN B 79 13.98 1.20 -12.13
C ASN B 79 12.94 1.81 -11.19
N TRP B 80 12.96 3.14 -11.10
CA TRP B 80 12.08 3.90 -10.25
C TRP B 80 11.27 4.87 -11.09
N LYS B 81 10.04 5.16 -10.65
CA LYS B 81 9.16 6.07 -11.36
C LYS B 81 8.32 6.82 -10.34
N ILE B 82 7.65 7.87 -10.81
CA ILE B 82 6.66 8.55 -9.98
C ILE B 82 5.50 7.60 -9.75
N SER B 83 5.15 7.38 -8.50
CA SER B 83 4.11 6.41 -8.17
C SER B 83 2.80 6.77 -8.88
N ASP B 84 2.04 5.74 -9.24
CA ASP B 84 0.80 5.97 -9.97
C ASP B 84 -0.19 6.79 -9.15
N GLU B 85 -0.17 6.63 -7.82
CA GLU B 85 -1.09 7.37 -6.98
C GLU B 85 -0.76 8.86 -6.97
N VAL B 86 0.53 9.21 -6.90
CA VAL B 86 0.91 10.62 -6.87
C VAL B 86 0.74 11.24 -8.25
N ARG B 87 1.02 10.48 -9.31
CA ARG B 87 0.81 11.01 -10.66
C ARG B 87 -0.66 11.29 -10.91
N ARG B 88 -1.54 10.38 -10.51
CA ARG B 88 -2.97 10.57 -10.72
C ARG B 88 -3.50 11.74 -9.90
N ASP B 89 -3.11 11.81 -8.62
CA ASP B 89 -3.56 12.90 -7.77
C ASP B 89 -3.10 14.25 -8.34
N PHE B 90 -1.83 14.33 -8.76
CA PHE B 90 -1.33 15.56 -9.35
C PHE B 90 -2.13 15.94 -10.59
N LEU B 91 -2.37 14.99 -11.46
CA LEU B 91 -3.06 15.29 -12.72
C LEU B 91 -4.50 15.75 -12.46
N ASN B 92 -5.18 15.12 -11.49
CA ASN B 92 -6.55 15.51 -11.22
C ASN B 92 -6.62 16.93 -10.67
N LYS B 93 -5.73 17.28 -9.75
CA LYS B 93 -5.70 18.65 -9.23
C LYS B 93 -5.30 19.64 -10.31
N TRP B 94 -4.25 19.30 -11.08
CA TRP B 94 -3.78 20.22 -12.12
C TRP B 94 -4.85 20.45 -13.17
N ASN B 95 -5.60 19.41 -13.54
CA ASN B 95 -6.66 19.55 -14.53
C ASN B 95 -7.89 20.23 -13.97
N ALA B 96 -7.94 20.46 -12.66
CA ALA B 96 -9.04 21.19 -12.04
C ALA B 96 -8.67 22.63 -11.71
N GLY B 97 -7.46 23.05 -12.04
CA GLY B 97 -7.03 24.41 -11.75
C GLY B 97 -6.52 24.63 -10.34
N LYS B 98 -6.40 23.58 -9.55
CA LYS B 98 -6.00 23.71 -8.15
C LYS B 98 -4.51 23.86 -7.96
N LEU B 99 -3.71 23.78 -9.04
CA LEU B 99 -2.26 23.84 -8.95
C LEU B 99 -1.70 24.91 -9.89
N SER B 100 -2.39 26.04 -9.99
CA SER B 100 -1.90 27.12 -10.83
C SER B 100 -0.79 27.89 -10.14
N LYS B 101 -0.78 27.92 -8.82
CA LYS B 101 0.25 28.62 -8.07
C LYS B 101 1.48 27.72 -7.94
N ILE B 102 2.56 28.09 -8.63
CA ILE B 102 3.80 27.32 -8.54
C ILE B 102 4.44 27.60 -7.19
N ARG B 103 4.39 26.62 -6.30
CA ARG B 103 4.93 26.78 -4.96
C ARG B 103 6.41 27.18 -5.02
N ARG B 104 6.86 27.87 -3.98
CA ARG B 104 8.22 28.41 -3.98
C ARG B 104 9.23 27.38 -3.52
N GLY B 105 8.99 26.73 -2.39
CA GLY B 105 9.96 25.80 -1.85
C GLY B 105 10.05 24.53 -2.67
N ALA B 106 11.22 23.91 -2.61
CA ALA B 106 11.44 22.65 -3.33
C ALA B 106 10.51 21.56 -2.82
N SER B 107 10.01 20.75 -3.74
CA SER B 107 9.12 19.65 -3.39
C SER B 107 8.87 18.84 -4.65
N VAL B 108 8.25 17.67 -4.47
CA VAL B 108 7.89 16.85 -5.62
C VAL B 108 6.87 17.57 -6.49
N THR B 109 5.88 18.20 -5.85
CA THR B 109 4.83 18.86 -6.61
C THR B 109 5.40 19.98 -7.48
N ARG B 110 6.37 20.73 -6.96
CA ARG B 110 6.97 21.81 -7.74
C ARG B 110 7.59 21.28 -9.03
N GLN B 111 8.40 20.23 -8.93
CA GLN B 111 9.03 19.68 -10.13
C GLN B 111 8.00 19.11 -11.10
N LEU B 112 6.90 18.55 -10.57
CA LEU B 112 5.82 18.12 -11.44
C LEU B 112 5.15 19.31 -12.12
N GLN B 113 4.94 20.40 -11.36
CA GLN B 113 4.33 21.59 -11.96
C GLN B 113 5.19 22.16 -13.07
N LEU B 114 6.47 22.41 -12.78
CA LEU B 114 7.36 22.98 -13.80
C LEU B 114 7.37 22.12 -15.06
N HIS B 115 7.52 20.80 -14.89
CA HIS B 115 7.56 19.92 -16.05
C HIS B 115 6.25 19.98 -16.82
N MET B 116 5.13 20.07 -16.11
CA MET B 116 3.82 20.10 -16.78
C MET B 116 3.61 21.39 -17.54
N SER B 117 4.17 22.50 -17.06
CA SER B 117 3.99 23.78 -17.76
C SER B 117 4.84 23.86 -19.02
N LYS B 118 6.02 23.21 -19.01
CA LYS B 118 6.91 23.29 -20.17
C LYS B 118 6.59 22.25 -21.23
N PHE B 119 6.14 21.06 -20.82
CA PHE B 119 5.96 19.95 -21.73
C PHE B 119 4.52 19.48 -21.83
N GLY B 120 3.60 20.03 -21.05
CA GLY B 120 2.21 19.68 -21.15
C GLY B 120 1.86 18.27 -20.75
N GLU B 121 2.81 17.52 -20.21
CA GLU B 121 2.54 16.13 -19.81
C GLU B 121 3.63 15.66 -18.86
N ILE B 122 3.25 14.74 -17.98
CA ILE B 122 4.17 14.08 -17.07
C ILE B 122 4.56 12.75 -17.68
N PRO B 123 5.85 12.49 -17.90
CA PRO B 123 6.24 11.22 -18.55
C PRO B 123 5.73 10.02 -17.76
N ALA B 124 5.28 9.01 -18.49
CA ALA B 124 4.76 7.79 -17.89
C ALA B 124 4.46 6.75 -18.97
K K G . -18.66 -9.30 -0.48
K K H . 8.92 4.61 -1.96
#